data_3VZI
#
_entry.id   3VZI
#
_cell.length_a   45.973
_cell.length_b   54.842
_cell.length_c   179.356
_cell.angle_alpha   90.00
_cell.angle_beta   90.00
_cell.angle_gamma   90.00
#
_symmetry.space_group_name_H-M   'P 21 21 21'
#
loop_
_entity.id
_entity.type
_entity.pdbx_description
1 polymer 'Crispr-associated protein Cas5, dvulg subtype'
2 water water
#
_entity_poly.entity_id   1
_entity_poly.type   'polypeptide(L)'
_entity_poly.pdbx_seq_one_letter_code
;GHMSYGVRLHVWGERALFTRPEMKVERVSYDIITPSAARGILEAIHWKPAIRWVVDSIQVLKPICFESIRRNEVGSKLSA
ASISKAIKAGRTDELVKYVEEDRQQRAATVLREVGYIIAAHFEMTDKAGPDDNVGKHLDIFNRRARRGQCFQAPCLGTRE
FPASFALLGDDDTPPASDPALSGERDLGWMLHDIDFADGMTPRFFRARMVDGLVAVPPPQDGGVRA
;
_entity_poly.pdbx_strand_id   A,B
#
# COMPACT_ATOMS: atom_id res chain seq x y z
N HIS A 2 -9.93 32.27 11.27
CA HIS A 2 -11.20 31.80 11.92
C HIS A 2 -11.51 30.33 11.69
N MET A 3 -11.73 29.58 12.77
CA MET A 3 -12.18 28.19 12.66
C MET A 3 -13.40 27.92 13.51
N SER A 4 -14.24 27.02 13.04
CA SER A 4 -15.35 26.48 13.81
C SER A 4 -14.87 25.54 14.90
N TYR A 5 -15.67 25.46 15.96
CA TYR A 5 -15.71 24.32 16.84
C TYR A 5 -15.87 23.03 16.03
N GLY A 6 -15.40 21.91 16.57
CA GLY A 6 -15.50 20.63 15.86
C GLY A 6 -16.95 20.18 15.84
N VAL A 7 -17.38 19.59 14.74
CA VAL A 7 -18.63 18.82 14.66
C VAL A 7 -18.33 17.31 14.76
N ARG A 8 -19.37 16.49 14.87
CA ARG A 8 -19.17 15.02 14.93
C ARG A 8 -20.22 14.27 14.12
N LEU A 9 -19.79 13.44 13.21
CA LEU A 9 -20.74 12.93 12.24
C LEU A 9 -20.67 11.42 12.11
N HIS A 10 -21.74 10.79 12.57
CA HIS A 10 -21.86 9.34 12.48
C HIS A 10 -22.23 9.00 11.07
N VAL A 11 -21.37 8.23 10.44
CA VAL A 11 -21.53 7.77 9.07
C VAL A 11 -21.48 6.24 9.09
N TRP A 12 -22.24 5.54 8.23
CA TRP A 12 -22.15 4.08 8.13
C TRP A 12 -22.78 3.57 6.86
N GLY A 13 -22.56 2.28 6.55
CA GLY A 13 -23.25 1.60 5.45
C GLY A 13 -23.03 0.10 5.37
N GLU A 14 -23.86 -0.60 4.59
CA GLU A 14 -23.65 -2.03 4.30
C GLU A 14 -22.26 -2.33 3.70
N ARG A 15 -21.83 -1.54 2.72
CA ARG A 15 -20.53 -1.75 2.10
C ARG A 15 -19.79 -0.43 1.85
N ALA A 16 -18.46 -0.47 1.74
CA ALA A 16 -17.62 0.70 1.48
C ALA A 16 -16.43 0.28 0.62
N LEU A 17 -15.87 1.23 -0.12
CA LEU A 17 -14.74 0.92 -0.96
C LEU A 17 -13.84 2.12 -1.10
N PHE A 18 -12.89 2.22 -0.18
CA PHE A 18 -11.89 3.26 -0.24
C PHE A 18 -10.67 2.76 -1.05
N THR A 19 -10.76 3.03 -2.35
CA THR A 19 -9.92 2.38 -3.34
C THR A 19 -8.46 2.63 -3.10
N ARG A 20 -7.67 1.57 -2.94
CA ARG A 20 -6.22 1.72 -2.93
C ARG A 20 -5.74 2.10 -4.34
N PRO A 21 -4.99 3.22 -4.46
CA PRO A 21 -4.53 3.85 -5.70
C PRO A 21 -3.38 3.17 -6.46
N GLU A 22 -2.55 2.40 -5.75
CA GLU A 22 -1.37 1.75 -6.34
C GLU A 22 -1.72 0.47 -7.12
N MET A 23 -2.85 -0.12 -6.72
CA MET A 23 -3.38 -1.32 -7.38
C MET A 23 -4.43 -0.84 -8.39
N LYS A 24 -3.94 -0.39 -9.55
CA LYS A 24 -4.79 0.33 -10.50
C LYS A 24 -5.46 -0.57 -11.52
N VAL A 25 -5.42 -1.88 -11.28
CA VAL A 25 -6.23 -2.83 -12.04
C VAL A 25 -7.47 -3.20 -11.21
N GLU A 26 -7.30 -4.07 -10.22
CA GLU A 26 -8.40 -4.44 -9.32
C GLU A 26 -8.68 -3.34 -8.29
N ARG A 27 -9.91 -3.27 -7.84
CA ARG A 27 -10.29 -2.32 -6.82
C ARG A 27 -10.26 -3.01 -5.45
N VAL A 28 -9.33 -2.62 -4.58
CA VAL A 28 -9.32 -3.11 -3.20
C VAL A 28 -9.52 -1.95 -2.24
N SER A 29 -10.27 -2.16 -1.16
CA SER A 29 -10.43 -1.12 -0.15
C SER A 29 -9.35 -1.07 0.90
N TYR A 30 -8.95 0.16 1.25
CA TYR A 30 -8.26 0.44 2.51
C TYR A 30 -9.07 -0.11 3.68
N ASP A 31 -8.39 -0.42 4.79
CA ASP A 31 -9.03 -1.00 5.98
C ASP A 31 -10.04 -0.07 6.63
N ILE A 32 -9.85 1.25 6.47
CA ILE A 32 -10.77 2.23 7.06
C ILE A 32 -10.98 3.42 6.11
N ILE A 33 -12.06 4.19 6.31
CA ILE A 33 -12.25 5.44 5.56
C ILE A 33 -10.98 6.29 5.64
N THR A 34 -10.61 6.87 4.50
CA THR A 34 -9.51 7.81 4.38
C THR A 34 -9.98 9.19 4.79
N PRO A 35 -9.04 10.10 5.16
CA PRO A 35 -9.45 11.50 5.45
C PRO A 35 -10.12 12.18 4.25
N SER A 36 -9.61 11.99 3.03
CA SER A 36 -10.22 12.63 1.86
C SER A 36 -11.64 12.17 1.63
N ALA A 37 -11.92 10.86 1.73
CA ALA A 37 -13.32 10.43 1.66
C ALA A 37 -14.18 11.03 2.82
N ALA A 38 -13.64 11.15 4.05
CA ALA A 38 -14.39 11.81 5.12
C ALA A 38 -14.69 13.29 4.80
N ARG A 39 -13.63 14.02 4.39
CA ARG A 39 -13.80 15.40 3.90
C ARG A 39 -14.88 15.45 2.84
N GLY A 40 -14.90 14.46 1.94
CA GLY A 40 -15.78 14.47 0.79
C GLY A 40 -17.21 14.24 1.20
N ILE A 41 -17.42 13.59 2.33
CA ILE A 41 -18.77 13.45 2.86
C ILE A 41 -19.26 14.73 3.52
N LEU A 42 -18.41 15.41 4.28
CA LEU A 42 -18.86 16.68 4.88
C LEU A 42 -19.21 17.70 3.78
N GLU A 43 -18.38 17.76 2.72
CA GLU A 43 -18.63 18.69 1.63
C GLU A 43 -19.96 18.38 0.91
N ALA A 44 -20.35 17.10 0.87
CA ALA A 44 -21.61 16.70 0.24
C ALA A 44 -22.75 17.31 1.01
N ILE A 45 -22.58 17.40 2.33
CA ILE A 45 -23.63 17.95 3.17
C ILE A 45 -23.67 19.45 3.03
N HIS A 46 -22.48 20.07 3.03
CA HIS A 46 -22.34 21.50 2.82
C HIS A 46 -20.94 21.84 2.48
N TRP A 47 -20.75 22.61 1.41
CA TRP A 47 -19.44 23.22 1.13
C TRP A 47 -19.59 24.44 0.27
N LYS A 48 -18.68 25.39 0.44
CA LYS A 48 -18.63 26.62 -0.33
C LYS A 48 -17.18 27.03 -0.39
N PRO A 49 -16.80 27.80 -1.43
CA PRO A 49 -15.38 28.23 -1.48
C PRO A 49 -14.91 28.89 -0.17
N ALA A 50 -15.82 29.62 0.52
CA ALA A 50 -15.54 30.27 1.82
C ALA A 50 -14.97 29.37 2.90
N ILE A 51 -15.12 28.06 2.72
CA ILE A 51 -14.80 27.16 3.83
C ILE A 51 -13.93 25.99 3.39
N ARG A 52 -13.19 25.47 4.37
CA ARG A 52 -12.27 24.38 4.16
C ARG A 52 -12.51 23.39 5.28
N TRP A 53 -13.03 22.22 4.93
CA TRP A 53 -13.20 21.17 5.91
C TRP A 53 -11.91 20.53 6.25
N VAL A 54 -11.59 20.47 7.54
CA VAL A 54 -10.42 19.75 8.01
C VAL A 54 -10.84 18.61 8.92
N VAL A 55 -10.46 17.38 8.56
CA VAL A 55 -10.71 16.17 9.35
C VAL A 55 -9.65 16.01 10.42
N ASP A 56 -10.07 15.89 11.68
CA ASP A 56 -9.16 15.80 12.83
C ASP A 56 -8.98 14.37 13.29
N SER A 57 -10.06 13.59 13.30
CA SER A 57 -9.98 12.18 13.69
C SER A 57 -11.13 11.33 13.20
N ILE A 58 -10.88 10.04 13.06
CA ILE A 58 -11.89 9.06 12.63
C ILE A 58 -11.98 8.01 13.74
N GLN A 59 -13.19 7.63 14.11
CA GLN A 59 -13.39 6.58 15.12
C GLN A 59 -13.99 5.40 14.38
N VAL A 60 -13.33 4.26 14.39
CA VAL A 60 -13.89 3.08 13.72
C VAL A 60 -14.84 2.42 14.72
N LEU A 61 -16.09 2.24 14.31
CA LEU A 61 -17.04 1.63 15.19
C LEU A 61 -17.15 0.14 15.04
N LYS A 62 -16.94 -0.39 13.84
CA LYS A 62 -17.17 -1.82 13.59
C LYS A 62 -15.95 -2.58 13.11
N PRO A 63 -15.88 -3.90 13.38
CA PRO A 63 -14.70 -4.69 12.95
C PRO A 63 -14.46 -4.64 11.46
N ILE A 64 -13.17 -4.61 11.11
CA ILE A 64 -12.71 -4.57 9.74
C ILE A 64 -12.88 -5.94 9.09
N CYS A 65 -13.88 -6.08 8.20
CA CYS A 65 -14.12 -7.32 7.45
C CYS A 65 -14.23 -7.03 5.97
N PHE A 66 -13.75 -7.94 5.14
CA PHE A 66 -13.75 -7.71 3.71
C PHE A 66 -14.68 -8.70 3.03
N GLU A 67 -14.94 -8.50 1.75
CA GLU A 67 -15.81 -9.36 0.99
C GLU A 67 -15.45 -9.21 -0.48
N SER A 68 -15.30 -10.33 -1.19
CA SER A 68 -15.16 -10.29 -2.64
C SER A 68 -16.51 -10.23 -3.32
N ILE A 69 -16.63 -9.24 -4.20
CA ILE A 69 -17.91 -8.83 -4.80
C ILE A 69 -17.79 -8.53 -6.32
N ARG A 70 -18.80 -8.94 -7.09
CA ARG A 70 -18.83 -8.69 -8.54
C ARG A 70 -20.23 -8.30 -9.00
N ARG A 71 -20.34 -7.24 -9.82
CA ARG A 71 -21.65 -6.68 -10.24
C ARG A 71 -22.25 -7.39 -11.45
N LEU A 78 -20.46 -18.13 -17.92
CA LEU A 78 -19.16 -17.49 -17.78
C LEU A 78 -18.40 -17.99 -16.54
N SER A 79 -17.80 -19.17 -16.65
CA SER A 79 -17.05 -19.76 -15.53
C SER A 79 -16.03 -20.81 -16.02
N ALA A 80 -15.41 -21.53 -15.08
CA ALA A 80 -14.47 -22.62 -15.37
C ALA A 80 -14.82 -23.46 -16.62
N ALA A 81 -15.93 -24.20 -16.56
CA ALA A 81 -16.37 -25.09 -17.65
C ALA A 81 -16.69 -24.38 -18.99
N SER A 82 -17.14 -23.12 -18.93
CA SER A 82 -17.54 -22.40 -20.16
C SER A 82 -16.30 -22.04 -20.99
N ILE A 83 -15.28 -21.54 -20.31
CA ILE A 83 -13.95 -21.35 -20.86
C ILE A 83 -13.47 -22.67 -21.47
N SER A 84 -13.54 -23.76 -20.72
CA SER A 84 -13.06 -25.02 -21.22
C SER A 84 -13.73 -25.35 -22.57
N LYS A 85 -15.07 -25.22 -22.59
CA LYS A 85 -15.89 -25.57 -23.73
C LYS A 85 -15.65 -24.68 -24.94
N ALA A 86 -15.45 -23.39 -24.71
CA ALA A 86 -15.26 -22.45 -25.81
C ALA A 86 -13.88 -22.62 -26.44
N ILE A 87 -12.85 -22.84 -25.61
CA ILE A 87 -11.54 -23.29 -26.14
C ILE A 87 -11.68 -24.62 -26.95
N LYS A 88 -12.34 -25.62 -26.37
CA LYS A 88 -12.61 -26.90 -27.05
C LYS A 88 -13.41 -26.71 -28.34
N ALA A 89 -14.33 -25.76 -28.33
CA ALA A 89 -15.13 -25.49 -29.52
C ALA A 89 -14.43 -24.48 -30.46
N GLY A 90 -13.27 -23.99 -30.02
CA GLY A 90 -12.47 -23.06 -30.81
C GLY A 90 -13.26 -21.81 -31.11
N ARG A 91 -13.78 -21.19 -30.05
CA ARG A 91 -14.59 -19.99 -30.16
C ARG A 91 -13.99 -18.82 -29.40
N THR A 92 -13.12 -18.05 -30.08
CA THR A 92 -12.52 -16.88 -29.47
C THR A 92 -13.57 -15.79 -29.26
N ASP A 93 -14.54 -15.69 -30.18
CA ASP A 93 -15.60 -14.70 -30.05
C ASP A 93 -16.22 -14.78 -28.64
N GLU A 94 -16.70 -15.97 -28.27
CA GLU A 94 -17.20 -16.20 -26.90
C GLU A 94 -16.12 -15.91 -25.86
N LEU A 95 -14.88 -16.29 -26.14
CA LEU A 95 -13.76 -15.98 -25.21
C LEU A 95 -13.50 -14.49 -25.05
N VAL A 96 -13.74 -13.70 -26.10
CA VAL A 96 -13.58 -12.24 -26.03
C VAL A 96 -14.75 -11.63 -25.26
N LYS A 97 -15.95 -12.14 -25.53
CA LYS A 97 -17.16 -11.76 -24.80
C LYS A 97 -17.01 -12.05 -23.30
N TYR A 98 -16.41 -13.19 -22.94
CA TYR A 98 -16.21 -13.59 -21.52
C TYR A 98 -15.21 -12.71 -20.80
N VAL A 99 -14.19 -12.28 -21.54
CA VAL A 99 -13.18 -11.34 -21.04
C VAL A 99 -13.83 -9.95 -20.83
N GLU A 100 -14.48 -9.42 -21.86
CA GLU A 100 -15.18 -8.13 -21.72
C GLU A 100 -16.18 -8.21 -20.57
N GLU A 101 -16.93 -9.31 -20.50
CA GLU A 101 -17.92 -9.48 -19.46
C GLU A 101 -17.33 -9.49 -18.04
N ASP A 102 -16.14 -10.08 -17.89
CA ASP A 102 -15.49 -10.24 -16.57
C ASP A 102 -15.06 -8.90 -16.00
N ARG A 103 -14.52 -8.06 -16.90
CA ARG A 103 -14.17 -6.68 -16.64
C ARG A 103 -15.38 -5.83 -16.27
N GLN A 104 -16.58 -6.25 -16.68
CA GLN A 104 -17.82 -5.50 -16.44
C GLN A 104 -18.44 -5.79 -15.09
N GLN A 105 -17.96 -6.84 -14.44
CA GLN A 105 -18.28 -7.13 -13.06
C GLN A 105 -17.47 -6.26 -12.12
N ARG A 106 -16.31 -5.82 -12.60
CA ARG A 106 -15.43 -4.88 -11.90
C ARG A 106 -15.15 -5.38 -10.50
N ALA A 107 -14.67 -6.64 -10.43
CA ALA A 107 -14.42 -7.37 -9.17
C ALA A 107 -13.81 -6.46 -8.12
N ALA A 108 -14.35 -6.52 -6.89
CA ALA A 108 -13.82 -5.72 -5.80
C ALA A 108 -13.74 -6.43 -4.45
N THR A 109 -12.84 -5.92 -3.61
CA THR A 109 -12.68 -6.33 -2.24
C THR A 109 -13.03 -5.13 -1.36
N VAL A 110 -14.24 -5.16 -0.85
CA VAL A 110 -14.87 -4.01 -0.22
C VAL A 110 -14.98 -4.30 1.27
N LEU A 111 -15.07 -3.23 2.08
CA LEU A 111 -15.37 -3.35 3.51
C LEU A 111 -16.86 -3.66 3.64
N ARG A 112 -17.19 -4.50 4.61
CA ARG A 112 -18.57 -4.91 4.84
C ARG A 112 -19.04 -4.23 6.14
N GLU A 113 -20.35 -3.95 6.27
CA GLU A 113 -20.95 -3.40 7.50
C GLU A 113 -20.11 -2.40 8.35
N VAL A 114 -19.79 -1.25 7.77
CA VAL A 114 -18.93 -0.27 8.44
C VAL A 114 -19.71 0.83 9.14
N GLY A 115 -19.03 1.55 10.05
CA GLY A 115 -19.56 2.76 10.68
C GLY A 115 -18.47 3.56 11.38
N TYR A 116 -18.32 4.83 11.02
CA TYR A 116 -17.31 5.63 11.68
C TYR A 116 -17.95 6.85 12.30
N ILE A 117 -17.22 7.53 13.19
CA ILE A 117 -17.57 8.86 13.66
C ILE A 117 -16.53 9.85 13.13
N ILE A 118 -16.92 10.82 12.31
CA ILE A 118 -15.93 11.73 11.77
C ILE A 118 -15.85 12.96 12.67
N ALA A 119 -14.66 13.33 13.14
CA ALA A 119 -14.52 14.56 13.93
C ALA A 119 -13.75 15.54 13.08
N ALA A 120 -14.39 16.66 12.72
CA ALA A 120 -13.79 17.61 11.82
C ALA A 120 -14.17 19.01 12.24
N HIS A 121 -13.58 20.00 11.59
CA HIS A 121 -14.01 21.37 11.68
C HIS A 121 -13.69 22.02 10.36
N PHE A 122 -14.18 23.23 10.12
CA PHE A 122 -13.71 24.00 8.96
C PHE A 122 -12.98 25.26 9.35
N GLU A 123 -12.10 25.71 8.47
CA GLU A 123 -11.45 27.00 8.59
C GLU A 123 -11.97 27.88 7.45
N MET A 124 -12.21 29.16 7.74
CA MET A 124 -12.53 30.18 6.73
C MET A 124 -11.36 30.36 5.79
N THR A 125 -11.67 30.47 4.48
CA THR A 125 -10.64 30.61 3.45
C THR A 125 -10.49 32.08 3.02
N ASP A 126 -9.51 32.36 2.18
CA ASP A 126 -9.35 33.69 1.60
C ASP A 126 -10.46 34.02 0.57
N LYS A 127 -11.20 33.00 0.17
CA LYS A 127 -12.37 33.17 -0.68
C LYS A 127 -13.61 33.64 0.09
N ALA A 128 -13.48 33.92 1.38
CA ALA A 128 -14.62 34.32 2.20
C ALA A 128 -15.03 35.77 1.97
N GLY A 129 -16.33 35.99 1.73
CA GLY A 129 -16.91 37.30 1.53
C GLY A 129 -17.53 37.80 2.82
N PRO A 130 -18.03 39.04 2.84
CA PRO A 130 -18.49 39.75 4.03
C PRO A 130 -19.68 39.05 4.66
N ASP A 131 -20.44 38.35 3.82
CA ASP A 131 -21.59 37.56 4.21
C ASP A 131 -21.21 36.17 4.72
N ASP A 132 -19.92 35.82 4.68
CA ASP A 132 -19.43 34.51 5.15
C ASP A 132 -18.82 34.56 6.54
N ASN A 133 -19.30 33.67 7.41
CA ASN A 133 -18.69 33.50 8.73
C ASN A 133 -18.88 32.07 9.25
N VAL A 134 -18.21 31.75 10.35
CA VAL A 134 -18.27 30.44 10.96
C VAL A 134 -19.69 30.10 11.42
N GLY A 135 -20.31 31.00 12.18
CA GLY A 135 -21.72 30.86 12.57
C GLY A 135 -22.72 30.51 11.48
N LYS A 136 -22.72 31.28 10.39
CA LYS A 136 -23.59 31.00 9.25
C LYS A 136 -23.34 29.57 8.74
N HIS A 137 -22.08 29.29 8.41
CA HIS A 137 -21.71 28.05 7.73
C HIS A 137 -21.79 26.82 8.58
N LEU A 138 -21.50 26.97 9.86
CA LEU A 138 -21.69 25.91 10.84
C LEU A 138 -23.18 25.62 11.03
N ASP A 139 -24.00 26.65 10.91
CA ASP A 139 -25.39 26.41 11.20
C ASP A 139 -26.12 25.76 10.01
N ILE A 140 -25.65 26.07 8.79
CA ILE A 140 -26.17 25.44 7.58
C ILE A 140 -25.82 23.94 7.58
N PHE A 141 -24.60 23.62 8.03
CA PHE A 141 -24.16 22.26 8.10
C PHE A 141 -25.02 21.48 9.08
N ASN A 142 -25.15 21.98 10.31
CA ASN A 142 -25.84 21.27 11.40
C ASN A 142 -27.32 21.06 11.11
N ARG A 143 -27.94 22.11 10.60
CA ARG A 143 -29.33 22.10 10.18
C ARG A 143 -29.51 21.01 9.13
N ARG A 144 -28.49 20.80 8.31
CA ARG A 144 -28.64 19.90 7.17
C ARG A 144 -28.41 18.46 7.51
N ALA A 145 -27.35 18.23 8.28
CA ALA A 145 -26.99 16.95 8.87
C ALA A 145 -28.10 16.43 9.78
N ARG A 146 -28.64 17.30 10.65
CA ARG A 146 -29.75 16.92 11.53
C ARG A 146 -30.92 16.41 10.68
N ARG A 147 -31.23 17.16 9.62
CA ARG A 147 -32.32 16.87 8.67
C ARG A 147 -32.00 15.79 7.62
N GLY A 148 -30.79 15.26 7.56
CA GLY A 148 -30.45 14.23 6.58
C GLY A 148 -30.50 14.67 5.13
N GLN A 149 -30.22 15.94 4.91
CA GLN A 149 -30.24 16.51 3.55
C GLN A 149 -28.85 17.03 3.13
N CYS A 150 -28.63 17.14 1.83
CA CYS A 150 -27.31 17.44 1.36
C CYS A 150 -27.36 17.93 -0.09
N PHE A 151 -26.26 18.53 -0.54
CA PHE A 151 -26.12 18.93 -1.95
C PHE A 151 -26.10 17.73 -2.91
N GLN A 152 -25.38 16.67 -2.52
CA GLN A 152 -25.37 15.40 -3.27
C GLN A 152 -25.26 14.25 -2.27
N ALA A 153 -25.67 13.05 -2.66
CA ALA A 153 -25.58 11.86 -1.79
C ALA A 153 -24.14 11.55 -1.35
N PRO A 154 -23.86 11.58 -0.03
CA PRO A 154 -22.51 11.18 0.38
C PRO A 154 -22.25 9.72 0.08
N CYS A 155 -20.98 9.38 -0.18
CA CYS A 155 -20.59 8.03 -0.55
C CYS A 155 -19.53 7.47 0.34
N LEU A 156 -19.52 6.14 0.43
CA LEU A 156 -18.46 5.44 1.09
C LEU A 156 -17.41 5.02 0.08
N GLY A 157 -16.65 6.03 -0.37
CA GLY A 157 -15.51 5.81 -1.26
C GLY A 157 -15.89 5.85 -2.71
N THR A 158 -16.91 5.11 -3.11
CA THR A 158 -17.27 5.15 -4.52
C THR A 158 -18.76 5.29 -4.60
N ARG A 159 -19.24 5.82 -5.73
CA ARG A 159 -20.62 6.30 -5.81
C ARG A 159 -21.65 5.18 -5.71
N GLU A 160 -21.22 3.96 -5.97
CA GLU A 160 -22.09 2.79 -5.88
C GLU A 160 -22.43 2.42 -4.43
N PHE A 161 -21.77 3.08 -3.47
CA PHE A 161 -22.02 2.86 -2.04
C PHE A 161 -22.46 4.12 -1.31
N PRO A 162 -23.79 4.29 -1.14
CA PRO A 162 -24.33 5.47 -0.42
C PRO A 162 -23.98 5.45 1.09
N ALA A 163 -23.72 6.63 1.65
CA ALA A 163 -23.40 6.80 3.06
C ALA A 163 -24.60 7.29 3.87
N SER A 164 -25.05 6.53 4.87
CA SER A 164 -25.99 7.10 5.84
C SER A 164 -25.21 7.88 6.87
N PHE A 165 -25.90 8.79 7.54
CA PHE A 165 -25.23 9.66 8.47
C PHE A 165 -26.21 10.27 9.45
N ALA A 166 -25.76 10.49 10.68
CA ALA A 166 -26.52 11.30 11.66
C ALA A 166 -25.55 12.21 12.42
N LEU A 167 -26.01 13.39 12.78
CA LEU A 167 -25.22 14.36 13.54
C LEU A 167 -25.17 13.96 15.04
N LEU A 168 -24.00 14.03 15.65
CA LEU A 168 -23.89 13.71 17.06
C LEU A 168 -23.72 14.95 17.90
N GLY A 169 -23.97 14.77 19.21
CA GLY A 169 -23.84 15.83 20.20
C GLY A 169 -22.38 16.11 20.52
N ASP A 170 -22.18 16.98 21.48
CA ASP A 170 -20.87 17.50 21.79
C ASP A 170 -19.91 16.44 22.35
N ASP A 171 -20.40 15.53 23.19
CA ASP A 171 -19.50 14.81 24.10
C ASP A 171 -19.36 13.30 23.90
N ASP A 172 -18.09 12.86 23.92
CA ASP A 172 -17.62 11.44 23.97
C ASP A 172 -16.81 11.09 22.74
N ALA A 176 -15.29 2.27 22.96
CA ALA A 176 -14.41 1.25 22.42
C ALA A 176 -14.48 0.04 23.32
N SER A 177 -15.37 -0.88 22.97
CA SER A 177 -15.59 -2.06 23.78
C SER A 177 -15.49 -3.30 22.93
N ASP A 178 -15.10 -3.12 21.68
CA ASP A 178 -14.89 -4.21 20.73
C ASP A 178 -13.44 -4.72 20.70
N PRO A 179 -13.22 -5.97 21.13
CA PRO A 179 -11.85 -6.48 21.28
C PRO A 179 -11.02 -6.35 20.01
N ALA A 180 -11.69 -6.37 18.85
CA ALA A 180 -11.00 -6.19 17.57
C ALA A 180 -10.44 -4.79 17.36
N LEU A 181 -10.92 -3.81 18.12
CA LEU A 181 -10.54 -2.43 17.87
C LEU A 181 -9.63 -1.79 18.93
N SER A 182 -9.51 -2.45 20.09
CA SER A 182 -8.78 -1.87 21.22
C SER A 182 -7.26 -2.05 21.15
N GLY A 183 -6.55 -1.26 21.94
CA GLY A 183 -5.09 -1.30 21.94
C GLY A 183 -4.55 -0.43 20.84
N GLU A 184 -3.22 -0.33 20.75
CA GLU A 184 -2.58 0.43 19.69
C GLU A 184 -2.57 -0.53 18.51
N ARG A 185 -2.91 -0.05 17.31
CA ARG A 185 -2.78 -0.89 16.15
C ARG A 185 -2.18 -0.09 15.04
N ASP A 186 -1.20 -0.67 14.36
CA ASP A 186 -0.61 0.01 13.23
C ASP A 186 -1.35 -0.43 11.98
N LEU A 187 -2.07 0.49 11.35
CA LEU A 187 -2.78 0.22 10.08
C LEU A 187 -1.88 0.52 8.87
N GLY A 188 -0.72 1.13 9.14
CA GLY A 188 0.30 1.36 8.14
C GLY A 188 -0.11 2.48 7.22
N TRP A 189 0.60 2.57 6.11
CA TRP A 189 0.47 3.68 5.21
C TRP A 189 -0.82 3.65 4.45
N MET A 190 -1.37 4.86 4.31
CA MET A 190 -2.61 5.04 3.59
C MET A 190 -2.76 6.47 3.08
N LEU A 191 -3.62 6.61 2.05
CA LEU A 191 -3.92 7.92 1.49
C LEU A 191 -4.40 8.84 2.58
N HIS A 192 -3.82 10.03 2.64
CA HIS A 192 -4.20 11.02 3.64
C HIS A 192 -5.27 11.85 3.01
N ASP A 193 -4.88 12.56 1.96
CA ASP A 193 -5.77 13.44 1.22
C ASP A 193 -4.99 13.95 0.04
N ILE A 194 -5.72 14.60 -0.86
CA ILE A 194 -5.24 15.03 -2.14
C ILE A 194 -4.70 16.47 -2.02
N ASP A 195 -3.72 16.83 -2.83
CA ASP A 195 -3.23 18.21 -2.84
C ASP A 195 -4.38 19.21 -3.09
N PHE A 196 -4.81 19.85 -2.01
CA PHE A 196 -5.62 21.08 -2.05
C PHE A 196 -5.37 21.93 -3.31
N ALA A 197 -4.09 22.25 -3.57
CA ALA A 197 -3.67 23.00 -4.77
C ALA A 197 -4.22 22.47 -6.10
N ASP A 198 -3.59 21.44 -6.68
CA ASP A 198 -4.06 20.88 -7.97
C ASP A 198 -5.20 19.85 -7.88
N GLY A 199 -5.65 19.57 -6.66
CA GLY A 199 -6.74 18.62 -6.43
C GLY A 199 -6.55 17.25 -7.09
N MET A 200 -5.30 16.78 -7.15
CA MET A 200 -4.94 15.56 -7.90
C MET A 200 -3.80 14.70 -7.32
N THR A 201 -2.64 15.30 -7.00
CA THR A 201 -1.48 14.53 -6.50
C THR A 201 -1.70 14.12 -5.04
N PRO A 202 -1.76 12.81 -4.79
CA PRO A 202 -2.14 12.28 -3.48
C PRO A 202 -1.02 12.37 -2.44
N ARG A 203 -1.39 12.38 -1.17
CA ARG A 203 -0.42 12.29 -0.07
C ARG A 203 -0.79 11.14 0.89
N PHE A 204 0.19 10.69 1.66
CA PHE A 204 -0.03 9.55 2.54
C PHE A 204 0.50 9.81 3.94
N PHE A 205 -0.11 9.11 4.90
CA PHE A 205 0.34 9.08 6.26
C PHE A 205 0.26 7.64 6.79
N ARG A 206 1.02 7.35 7.85
CA ARG A 206 0.91 6.07 8.54
C ARG A 206 -0.19 6.16 9.57
N ALA A 207 -1.26 5.41 9.40
CA ALA A 207 -2.41 5.53 10.30
C ALA A 207 -2.11 4.67 11.50
N ARG A 208 -2.44 5.17 12.69
CA ARG A 208 -2.36 4.40 13.92
C ARG A 208 -3.69 4.52 14.66
N MET A 209 -4.13 3.40 15.22
CA MET A 209 -5.45 3.31 15.81
C MET A 209 -5.31 2.98 17.28
N VAL A 210 -5.93 3.80 18.14
CA VAL A 210 -5.91 3.54 19.58
C VAL A 210 -7.36 3.41 20.07
N ASP A 211 -7.75 2.21 20.49
CA ASP A 211 -9.15 1.92 20.91
C ASP A 211 -10.17 2.44 19.88
N GLY A 212 -9.91 2.22 18.60
CA GLY A 212 -10.79 2.72 17.52
C GLY A 212 -10.41 4.07 16.96
N LEU A 213 -9.74 4.90 17.77
CA LEU A 213 -9.50 6.27 17.38
C LEU A 213 -8.26 6.35 16.53
N VAL A 214 -8.35 7.02 15.39
CA VAL A 214 -7.25 7.25 14.47
C VAL A 214 -7.10 8.77 14.35
N ALA A 215 -6.11 9.37 15.03
CA ALA A 215 -5.82 10.81 14.86
C ALA A 215 -5.43 11.10 13.42
N VAL A 216 -5.91 12.18 12.82
CA VAL A 216 -5.52 12.54 11.44
C VAL A 216 -4.60 13.75 11.42
N PRO A 217 -3.32 13.59 11.03
CA PRO A 217 -2.42 14.73 10.93
C PRO A 217 -3.01 15.86 10.11
N PRO A 218 -2.68 17.14 10.44
CA PRO A 218 -3.02 18.26 9.53
C PRO A 218 -2.22 18.18 8.22
N PRO A 219 -2.60 18.96 7.18
CA PRO A 219 -1.79 19.14 5.96
C PRO A 219 -0.28 19.32 6.15
N GLN A 220 0.18 20.41 6.77
CA GLN A 220 1.62 20.69 6.90
C GLN A 220 2.37 19.81 7.93
N ASP A 221 2.87 18.65 7.50
CA ASP A 221 3.30 17.59 8.43
C ASP A 221 4.05 16.45 7.72
N GLY A 222 4.42 15.40 8.48
CA GLY A 222 4.82 14.11 7.89
C GLY A 222 3.74 13.36 7.10
N GLY A 223 3.02 14.09 6.25
CA GLY A 223 2.31 13.49 5.12
C GLY A 223 3.38 13.26 4.07
N VAL A 224 3.19 12.29 3.19
CA VAL A 224 4.22 11.73 2.27
C VAL A 224 5.63 11.67 2.85
N HIS B 2 10.35 -31.07 -12.93
CA HIS B 2 9.81 -29.70 -13.15
C HIS B 2 10.08 -28.70 -12.01
N MET B 3 10.26 -29.20 -10.78
CA MET B 3 10.27 -28.36 -9.59
C MET B 3 11.29 -28.88 -8.56
N SER B 4 11.99 -27.97 -7.88
CA SER B 4 13.19 -28.34 -7.08
C SER B 4 12.98 -28.37 -5.56
N TYR B 5 13.99 -28.85 -4.83
CA TYR B 5 13.95 -28.83 -3.36
C TYR B 5 13.99 -27.39 -2.81
N GLY B 6 13.51 -27.22 -1.58
CA GLY B 6 13.59 -25.96 -0.88
C GLY B 6 15.00 -25.67 -0.40
N VAL B 7 15.39 -24.40 -0.55
CA VAL B 7 16.66 -23.89 -0.02
C VAL B 7 16.33 -22.80 1.01
N ARG B 8 17.33 -22.41 1.79
CA ARG B 8 17.12 -21.43 2.83
C ARG B 8 18.31 -20.50 2.89
N LEU B 9 18.08 -19.21 2.77
CA LEU B 9 19.19 -18.28 2.67
C LEU B 9 19.02 -17.23 3.76
N HIS B 10 19.97 -17.14 4.66
CA HIS B 10 20.03 -16.01 5.62
C HIS B 10 20.58 -14.79 4.89
N VAL B 11 19.79 -13.71 4.80
CA VAL B 11 20.33 -12.48 4.24
C VAL B 11 20.18 -11.38 5.27
N TRP B 12 21.20 -10.52 5.39
CA TRP B 12 21.22 -9.42 6.38
C TRP B 12 22.07 -8.30 5.83
N GLY B 13 21.97 -7.11 6.42
CA GLY B 13 22.73 -5.93 6.00
C GLY B 13 22.54 -4.79 6.99
N GLU B 14 23.29 -3.69 6.79
CA GLU B 14 23.19 -2.53 7.68
C GLU B 14 21.92 -1.74 7.39
N ARG B 15 21.50 -1.72 6.13
CA ARG B 15 20.32 -0.97 5.69
C ARG B 15 19.57 -1.66 4.54
N ALA B 16 18.30 -1.30 4.37
CA ALA B 16 17.51 -1.77 3.25
C ALA B 16 16.42 -0.75 2.83
N LEU B 17 16.11 -0.74 1.53
CA LEU B 17 15.06 0.11 0.99
C LEU B 17 14.23 -0.60 -0.07
N PHE B 18 13.17 -1.24 0.36
CA PHE B 18 12.27 -1.87 -0.56
C PHE B 18 11.18 -0.87 -0.85
N THR B 19 11.44 -0.08 -1.88
CA THR B 19 10.69 1.14 -2.09
C THR B 19 9.21 0.86 -2.32
N ARG B 20 8.39 1.53 -1.53
CA ARG B 20 6.98 1.72 -1.83
C ARG B 20 6.80 2.66 -3.06
N PRO B 21 6.05 2.17 -4.05
CA PRO B 21 5.86 2.86 -5.32
C PRO B 21 4.80 3.95 -5.29
N GLU B 22 4.02 4.03 -4.21
CA GLU B 22 2.93 5.02 -4.05
C GLU B 22 3.45 6.41 -3.65
N MET B 23 4.58 6.45 -2.95
CA MET B 23 5.21 7.70 -2.52
C MET B 23 6.39 8.11 -3.43
N LYS B 24 6.21 9.22 -4.14
CA LYS B 24 7.10 9.60 -5.23
C LYS B 24 8.23 10.56 -4.83
N VAL B 25 7.91 11.54 -4.00
CA VAL B 25 8.83 12.62 -3.66
C VAL B 25 9.94 12.20 -2.69
N GLU B 26 9.58 11.38 -1.69
CA GLU B 26 10.56 10.72 -0.82
C GLU B 26 10.42 9.21 -0.96
N ARG B 27 11.54 8.50 -0.95
CA ARG B 27 11.51 7.05 -1.01
C ARG B 27 11.28 6.51 0.41
N VAL B 28 10.28 5.64 0.56
CA VAL B 28 10.05 4.97 1.85
C VAL B 28 10.03 3.45 1.68
N SER B 29 10.67 2.72 2.60
CA SER B 29 10.70 1.28 2.49
C SER B 29 9.46 0.61 3.08
N TYR B 30 9.12 -0.56 2.55
CA TYR B 30 8.16 -1.42 3.20
C TYR B 30 8.75 -1.81 4.53
N ASP B 31 7.94 -2.42 5.39
CA ASP B 31 8.36 -2.88 6.71
C ASP B 31 9.28 -4.11 6.60
N ILE B 32 9.18 -4.86 5.50
CA ILE B 32 9.92 -6.10 5.32
C ILE B 32 10.29 -6.34 3.87
N ILE B 33 11.28 -7.20 3.65
CA ILE B 33 11.70 -7.53 2.26
C ILE B 33 10.51 -8.05 1.45
N THR B 34 10.45 -7.62 0.19
CA THR B 34 9.40 -8.01 -0.74
C THR B 34 9.80 -9.32 -1.40
N PRO B 35 8.84 -10.21 -1.66
CA PRO B 35 9.21 -11.43 -2.39
C PRO B 35 10.14 -11.12 -3.54
N SER B 36 9.70 -10.20 -4.40
CA SER B 36 10.48 -9.69 -5.54
C SER B 36 11.97 -9.42 -5.30
N ALA B 37 12.30 -8.52 -4.36
CA ALA B 37 13.68 -8.32 -3.92
C ALA B 37 14.32 -9.63 -3.54
N ALA B 38 13.66 -10.41 -2.68
CA ALA B 38 14.19 -11.72 -2.28
C ALA B 38 14.52 -12.64 -3.49
N ARG B 39 13.58 -12.76 -4.41
CA ARG B 39 13.85 -13.52 -5.61
C ARG B 39 15.16 -12.99 -6.25
N GLY B 40 15.29 -11.67 -6.35
CA GLY B 40 16.48 -11.04 -6.92
C GLY B 40 17.78 -11.42 -6.23
N ILE B 41 17.79 -11.54 -4.89
CA ILE B 41 19.00 -12.04 -4.22
C ILE B 41 19.33 -13.45 -4.68
N LEU B 42 18.35 -14.36 -4.64
CA LEU B 42 18.55 -15.75 -5.12
C LEU B 42 19.10 -15.76 -6.54
N GLU B 43 18.59 -14.86 -7.38
CA GLU B 43 19.01 -14.89 -8.77
C GLU B 43 20.46 -14.50 -8.89
N ALA B 44 20.83 -13.51 -8.08
CA ALA B 44 22.22 -13.07 -7.99
C ALA B 44 23.15 -14.24 -7.67
N ILE B 45 22.65 -15.23 -6.91
CA ILE B 45 23.51 -16.41 -6.68
C ILE B 45 23.57 -17.28 -7.92
N HIS B 46 22.44 -17.51 -8.58
CA HIS B 46 22.42 -18.35 -9.75
C HIS B 46 21.08 -18.26 -10.42
N TRP B 47 21.10 -18.09 -11.74
CA TRP B 47 19.89 -18.00 -12.53
C TRP B 47 20.23 -18.19 -13.98
N LYS B 48 19.29 -18.82 -14.70
CA LYS B 48 19.32 -18.97 -16.17
C LYS B 48 17.90 -18.89 -16.76
N PRO B 49 17.74 -18.46 -18.03
CA PRO B 49 16.39 -18.50 -18.61
C PRO B 49 15.59 -19.76 -18.25
N ALA B 50 16.26 -20.93 -18.30
CA ALA B 50 15.65 -22.22 -17.98
C ALA B 50 14.98 -22.31 -16.58
N ILE B 51 15.28 -21.38 -15.66
CA ILE B 51 14.69 -21.46 -14.30
C ILE B 51 14.08 -20.15 -13.76
N ARG B 52 12.99 -20.30 -13.00
CA ARG B 52 12.24 -19.19 -12.44
C ARG B 52 12.21 -19.44 -10.92
N TRP B 53 12.85 -18.53 -10.16
CA TRP B 53 12.90 -18.64 -8.69
C TRP B 53 11.59 -18.27 -8.09
N VAL B 54 11.08 -19.12 -7.18
CA VAL B 54 9.80 -18.89 -6.48
C VAL B 54 10.01 -18.89 -4.97
N VAL B 55 9.57 -17.81 -4.31
CA VAL B 55 9.76 -17.61 -2.87
C VAL B 55 8.58 -18.20 -2.08
N ASP B 56 8.88 -18.99 -1.05
CA ASP B 56 7.83 -19.68 -0.30
C ASP B 56 7.51 -18.92 0.97
N SER B 57 8.52 -18.57 1.74
CA SER B 57 8.29 -17.83 2.95
C SER B 57 9.45 -16.90 3.24
N ILE B 58 9.18 -15.82 3.99
CA ILE B 58 10.20 -14.88 4.50
C ILE B 58 10.11 -14.79 6.02
N GLN B 59 11.22 -15.04 6.69
CA GLN B 59 11.22 -14.92 8.12
C GLN B 59 12.01 -13.69 8.53
N VAL B 60 11.35 -12.80 9.24
CA VAL B 60 11.99 -11.55 9.74
C VAL B 60 12.81 -11.85 11.01
N LEU B 61 14.10 -11.53 10.99
CA LEU B 61 14.97 -11.78 12.17
C LEU B 61 15.02 -10.64 13.23
N LYS B 62 14.92 -9.40 12.79
CA LYS B 62 15.21 -8.23 13.63
C LYS B 62 14.03 -7.25 13.72
N PRO B 63 13.88 -6.55 14.86
CA PRO B 63 12.71 -5.64 14.98
C PRO B 63 12.65 -4.59 13.87
N ILE B 64 11.47 -4.21 13.45
CA ILE B 64 11.34 -3.30 12.33
C ILE B 64 11.57 -1.84 12.73
N CYS B 65 12.71 -1.28 12.31
CA CYS B 65 13.18 0.06 12.67
C CYS B 65 13.48 0.89 11.43
N PHE B 66 13.20 2.17 11.51
CA PHE B 66 13.38 3.01 10.35
C PHE B 66 14.36 4.15 10.61
N GLU B 67 14.80 4.78 9.53
CA GLU B 67 15.81 5.81 9.59
C GLU B 67 15.66 6.74 8.41
N SER B 68 15.84 8.03 8.65
CA SER B 68 15.79 9.07 7.62
C SER B 68 17.21 9.39 7.13
N ILE B 69 17.43 9.41 5.82
CA ILE B 69 18.78 9.72 5.29
C ILE B 69 18.75 10.77 4.17
N ALA B 80 13.23 31.64 -3.94
CA ALA B 80 12.41 32.81 -4.26
C ALA B 80 13.24 33.96 -4.83
N ALA B 81 14.46 34.12 -4.29
CA ALA B 81 15.39 35.16 -4.72
C ALA B 81 16.53 34.59 -5.56
N SER B 82 16.70 33.28 -5.50
CA SER B 82 17.67 32.57 -6.35
C SER B 82 17.28 32.69 -7.83
N ILE B 83 15.97 32.58 -8.08
CA ILE B 83 15.37 32.58 -9.41
C ILE B 83 15.53 33.93 -10.13
N SER B 84 15.24 35.00 -9.41
CA SER B 84 15.46 36.38 -9.86
C SER B 84 16.83 36.52 -10.53
N LYS B 85 17.88 36.19 -9.78
CA LYS B 85 19.29 36.26 -10.22
C LYS B 85 19.59 35.63 -11.59
N ALA B 86 19.35 34.34 -11.73
CA ALA B 86 19.76 33.63 -12.94
C ALA B 86 18.71 33.66 -14.06
N ILE B 87 17.73 34.57 -13.93
CA ILE B 87 16.87 34.89 -15.06
C ILE B 87 17.46 36.06 -15.84
N LYS B 88 17.64 37.20 -15.16
CA LYS B 88 18.21 38.41 -15.78
C LYS B 88 19.51 38.15 -16.53
N ALA B 89 20.30 37.19 -16.05
CA ALA B 89 21.56 36.82 -16.71
C ALA B 89 21.44 35.61 -17.66
N GLY B 90 20.32 35.51 -18.37
CA GLY B 90 20.10 34.52 -19.45
C GLY B 90 20.42 33.05 -19.19
N ARG B 91 20.61 32.70 -17.92
CA ARG B 91 21.04 31.37 -17.52
C ARG B 91 19.92 30.52 -16.87
N THR B 92 18.76 30.47 -17.53
CA THR B 92 17.61 29.67 -17.04
C THR B 92 17.87 28.16 -17.07
N ASP B 93 18.73 27.70 -17.98
CA ASP B 93 19.17 26.29 -18.02
C ASP B 93 19.75 25.78 -16.67
N GLU B 94 20.45 26.65 -15.95
CA GLU B 94 20.93 26.35 -14.60
C GLU B 94 19.82 26.20 -13.54
N LEU B 95 18.60 26.63 -13.87
CA LEU B 95 17.43 26.39 -13.00
C LEU B 95 16.89 24.98 -13.24
N VAL B 96 16.86 24.58 -14.51
CA VAL B 96 16.56 23.20 -14.92
C VAL B 96 17.57 22.24 -14.26
N LYS B 97 18.86 22.58 -14.32
CA LYS B 97 19.90 21.69 -13.78
C LYS B 97 19.74 21.46 -12.28
N TYR B 98 19.53 22.55 -11.53
CA TYR B 98 19.26 22.48 -10.10
C TYR B 98 18.10 21.55 -9.78
N VAL B 99 17.00 21.66 -10.54
CA VAL B 99 15.81 20.83 -10.34
C VAL B 99 16.03 19.37 -10.77
N GLU B 100 16.77 19.16 -11.86
CA GLU B 100 17.19 17.82 -12.30
C GLU B 100 18.09 17.17 -11.23
N GLU B 101 18.79 18.00 -10.46
CA GLU B 101 19.67 17.49 -9.42
C GLU B 101 18.96 17.26 -8.07
N ASP B 102 18.14 18.23 -7.64
CA ASP B 102 17.41 18.14 -6.37
C ASP B 102 16.30 17.10 -6.39
N ARG B 103 15.96 16.64 -7.59
CA ARG B 103 15.06 15.52 -7.74
C ARG B 103 15.85 14.20 -7.69
N GLN B 104 17.19 14.29 -7.59
CA GLN B 104 18.09 13.13 -7.62
C GLN B 104 19.05 13.01 -6.40
N GLN B 105 18.78 13.79 -5.35
CA GLN B 105 19.54 13.76 -4.10
C GLN B 105 18.68 14.15 -2.88
N ARG B 106 17.67 13.33 -2.56
CA ARG B 106 16.75 13.62 -1.46
C ARG B 106 16.99 12.72 -0.26
N ALA B 107 16.16 12.90 0.77
CA ALA B 107 16.08 11.98 1.87
C ALA B 107 15.34 10.69 1.47
N ALA B 108 15.33 9.71 2.36
CA ALA B 108 14.61 8.45 2.18
C ALA B 108 14.35 7.80 3.55
N THR B 109 13.24 7.09 3.69
CA THR B 109 13.02 6.36 4.92
C THR B 109 13.31 4.89 4.69
N VAL B 110 14.40 4.43 5.29
CA VAL B 110 14.93 3.08 5.09
C VAL B 110 14.80 2.25 6.36
N LEU B 111 14.78 0.93 6.16
CA LEU B 111 14.85 -0.01 7.25
C LEU B 111 16.29 -0.06 7.75
N ARG B 112 16.48 -0.24 9.05
CA ARG B 112 17.80 -0.18 9.60
C ARG B 112 18.07 -1.54 10.25
N GLU B 113 19.26 -2.09 9.95
CA GLU B 113 19.76 -3.37 10.48
C GLU B 113 18.69 -4.47 10.43
N VAL B 114 18.53 -5.02 9.23
CA VAL B 114 17.57 -6.10 8.97
C VAL B 114 18.27 -7.44 8.83
N GLY B 115 17.52 -8.51 8.99
CA GLY B 115 18.00 -9.87 8.71
C GLY B 115 16.82 -10.78 8.41
N TYR B 116 17.00 -11.74 7.52
CA TYR B 116 15.87 -12.55 7.04
C TYR B 116 16.31 -13.94 6.63
N ILE B 117 15.40 -14.90 6.72
CA ILE B 117 15.65 -16.23 6.20
C ILE B 117 14.77 -16.32 4.98
N ILE B 118 15.35 -16.51 3.81
CA ILE B 118 14.53 -16.68 2.62
C ILE B 118 14.45 -18.17 2.32
N ALA B 119 13.22 -18.67 2.27
CA ALA B 119 12.99 -20.06 1.92
C ALA B 119 12.33 -20.12 0.55
N ALA B 120 13.00 -20.80 -0.38
CA ALA B 120 12.50 -20.82 -1.74
C ALA B 120 12.90 -22.08 -2.46
N HIS B 121 12.34 -22.23 -3.65
CA HIS B 121 12.71 -23.27 -4.56
C HIS B 121 12.60 -22.72 -5.94
N PHE B 122 12.97 -23.52 -6.93
CA PHE B 122 12.79 -23.12 -8.32
C PHE B 122 12.03 -24.12 -9.19
N GLU B 123 11.72 -23.66 -10.40
CA GLU B 123 10.87 -24.37 -11.33
C GLU B 123 11.45 -24.20 -12.70
N MET B 124 11.35 -25.27 -13.48
CA MET B 124 11.85 -25.30 -14.83
C MET B 124 10.92 -24.52 -15.77
N THR B 125 11.49 -23.78 -16.71
CA THR B 125 10.72 -22.96 -17.68
C THR B 125 10.76 -23.51 -19.09
N ASP B 126 9.97 -22.94 -19.99
CA ASP B 126 9.86 -23.46 -21.37
C ASP B 126 11.02 -22.93 -22.23
N LYS B 127 11.89 -22.16 -21.59
CA LYS B 127 13.20 -21.82 -22.12
C LYS B 127 14.21 -22.94 -21.82
N ALA B 128 13.83 -23.89 -20.97
CA ALA B 128 14.68 -25.06 -20.61
C ALA B 128 15.12 -25.86 -21.84
N GLY B 129 16.39 -26.29 -21.85
CA GLY B 129 16.97 -27.01 -22.99
C GLY B 129 17.30 -28.47 -22.67
N PRO B 130 18.04 -29.16 -23.56
CA PRO B 130 18.41 -30.57 -23.25
C PRO B 130 19.40 -30.72 -22.06
N ASP B 131 20.16 -29.66 -21.79
CA ASP B 131 21.18 -29.69 -20.75
C ASP B 131 20.54 -29.37 -19.39
N ASP B 132 19.42 -28.67 -19.42
CA ASP B 132 18.82 -28.20 -18.19
C ASP B 132 18.03 -29.28 -17.46
N ASN B 133 18.27 -29.36 -16.15
CA ASN B 133 17.46 -30.18 -15.23
C ASN B 133 17.48 -29.59 -13.82
N VAL B 134 16.54 -30.04 -12.98
CA VAL B 134 16.41 -29.57 -11.58
C VAL B 134 17.72 -29.79 -10.81
N GLY B 135 18.23 -31.03 -10.83
CA GLY B 135 19.39 -31.43 -10.06
C GLY B 135 20.57 -30.54 -10.34
N LYS B 136 21.00 -30.52 -11.61
CA LYS B 136 22.14 -29.70 -12.06
C LYS B 136 22.09 -28.27 -11.51
N HIS B 137 20.93 -27.62 -11.61
CA HIS B 137 20.79 -26.26 -11.14
C HIS B 137 20.86 -26.13 -9.63
N LEU B 138 20.22 -27.04 -8.91
CA LEU B 138 20.34 -27.09 -7.45
C LEU B 138 21.82 -27.11 -7.02
N ASP B 139 22.58 -28.08 -7.50
CA ASP B 139 24.00 -28.16 -7.11
C ASP B 139 24.78 -26.87 -7.48
N ILE B 140 24.47 -26.28 -8.65
CA ILE B 140 25.12 -25.03 -9.02
C ILE B 140 24.80 -23.96 -7.96
N PHE B 141 23.52 -23.68 -7.75
CA PHE B 141 23.12 -22.71 -6.73
C PHE B 141 23.92 -22.92 -5.46
N ASN B 142 24.03 -24.20 -5.08
CA ASN B 142 24.56 -24.59 -3.78
C ASN B 142 26.06 -24.41 -3.51
N ARG B 143 26.91 -24.94 -4.38
CA ARG B 143 28.34 -24.63 -4.23
C ARG B 143 28.56 -23.12 -4.36
N ARG B 144 27.75 -22.45 -5.17
CA ARG B 144 27.91 -21.03 -5.32
C ARG B 144 27.49 -20.26 -4.06
N ALA B 145 26.46 -20.75 -3.35
CA ALA B 145 25.99 -20.11 -2.13
C ALA B 145 26.92 -20.35 -0.93
N ARG B 146 27.35 -21.61 -0.73
CA ARG B 146 28.33 -21.98 0.31
C ARG B 146 29.63 -21.24 0.12
N ARG B 147 30.04 -21.09 -1.13
CA ARG B 147 31.27 -20.41 -1.52
C ARG B 147 31.07 -18.90 -1.73
N GLY B 148 29.85 -18.41 -1.47
CA GLY B 148 29.57 -16.98 -1.56
C GLY B 148 29.88 -16.27 -2.87
N GLN B 149 29.68 -16.97 -4.01
CA GLN B 149 29.95 -16.40 -5.35
C GLN B 149 28.70 -16.16 -6.24
N CYS B 150 28.74 -15.08 -7.02
CA CYS B 150 27.59 -14.64 -7.83
C CYS B 150 28.10 -13.57 -8.76
N PHE B 151 27.45 -13.34 -9.90
CA PHE B 151 28.09 -12.45 -10.87
C PHE B 151 28.11 -11.00 -10.39
N GLN B 152 26.96 -10.51 -9.92
CA GLN B 152 26.88 -9.26 -9.16
C GLN B 152 26.56 -9.57 -7.73
N ALA B 153 27.16 -8.79 -6.83
CA ALA B 153 26.92 -8.85 -5.41
C ALA B 153 25.50 -8.37 -5.09
N PRO B 154 24.75 -9.16 -4.32
CA PRO B 154 23.33 -8.89 -4.03
C PRO B 154 23.17 -7.61 -3.23
N CYS B 155 21.98 -7.04 -3.23
CA CYS B 155 21.74 -5.84 -2.45
C CYS B 155 20.34 -5.89 -1.84
N LEU B 156 20.01 -4.89 -1.01
CA LEU B 156 18.74 -4.91 -0.31
C LEU B 156 17.86 -3.76 -0.75
N GLY B 157 17.14 -3.98 -1.84
CA GLY B 157 16.29 -2.96 -2.43
C GLY B 157 16.96 -2.04 -3.45
N THR B 158 18.15 -1.53 -3.16
CA THR B 158 18.85 -0.69 -4.13
C THR B 158 20.37 -0.86 -4.10
N ARG B 159 21.03 -0.56 -5.21
CA ARG B 159 22.46 -0.82 -5.32
C ARG B 159 23.30 -0.16 -4.23
N GLU B 160 22.71 0.81 -3.52
CA GLU B 160 23.42 1.53 -2.45
C GLU B 160 23.67 0.62 -1.26
N PHE B 161 22.75 -0.32 -1.04
CA PHE B 161 22.74 -1.15 0.17
C PHE B 161 23.08 -2.61 -0.06
N PRO B 162 24.35 -2.99 0.12
CA PRO B 162 24.78 -4.40 -0.09
C PRO B 162 24.07 -5.40 0.83
N ALA B 163 23.96 -6.64 0.37
CA ALA B 163 23.41 -7.74 1.16
C ALA B 163 24.51 -8.73 1.36
N SER B 164 24.65 -9.23 2.59
CA SER B 164 25.48 -10.41 2.84
C SER B 164 24.55 -11.63 2.96
N PHE B 165 25.14 -12.83 2.93
CA PHE B 165 24.35 -14.05 3.01
C PHE B 165 25.10 -15.27 3.47
N ALA B 166 24.34 -16.28 3.85
CA ALA B 166 24.86 -17.60 4.17
C ALA B 166 23.75 -18.63 3.88
N LEU B 167 24.11 -19.70 3.19
CA LEU B 167 23.16 -20.74 2.87
C LEU B 167 22.98 -21.63 4.07
N LEU B 168 21.77 -21.72 4.58
CA LEU B 168 21.48 -22.62 5.69
C LEU B 168 21.24 -24.04 5.16
N GLY B 169 22.08 -24.97 5.58
CA GLY B 169 21.85 -26.39 5.32
C GLY B 169 21.11 -27.06 6.47
N ASP B 170 20.57 -28.25 6.20
CA ASP B 170 19.73 -28.99 7.17
C ASP B 170 20.12 -28.93 8.66
N ASP B 171 21.37 -29.22 8.98
CA ASP B 171 21.85 -29.07 10.36
C ASP B 171 22.75 -27.83 10.52
N ASP B 172 22.12 -26.67 10.45
CA ASP B 172 22.67 -25.40 10.89
C ASP B 172 21.63 -24.85 11.85
N THR B 173 22.07 -24.34 13.00
CA THR B 173 21.12 -23.69 13.90
C THR B 173 20.74 -22.32 13.31
N PRO B 174 19.41 -22.11 13.03
CA PRO B 174 18.98 -20.79 12.52
C PRO B 174 19.47 -19.67 13.42
N PRO B 175 19.77 -18.49 12.85
CA PRO B 175 19.66 -17.31 13.69
C PRO B 175 18.20 -17.19 14.13
N ALA B 176 17.94 -16.71 15.34
CA ALA B 176 16.54 -16.63 15.82
C ALA B 176 16.03 -15.20 15.78
N SER B 177 14.70 -15.07 15.79
CA SER B 177 14.07 -13.75 15.73
C SER B 177 13.94 -13.06 17.09
N ASP B 178 14.32 -11.79 17.13
CA ASP B 178 14.14 -10.92 18.28
C ASP B 178 12.79 -11.17 18.96
N PRO B 179 12.79 -11.25 20.30
CA PRO B 179 11.59 -11.31 21.15
C PRO B 179 10.43 -10.42 20.68
N ALA B 180 10.75 -9.19 20.23
CA ALA B 180 9.73 -8.21 19.78
C ALA B 180 8.93 -8.57 18.52
N LEU B 181 9.29 -9.65 17.84
CA LEU B 181 8.47 -10.14 16.71
C LEU B 181 7.50 -11.23 17.12
N SER B 182 7.36 -11.47 18.42
CA SER B 182 6.51 -12.57 18.88
C SER B 182 5.03 -12.33 18.58
N GLY B 183 4.30 -13.40 18.29
CA GLY B 183 2.85 -13.27 18.07
C GLY B 183 2.44 -12.69 16.74
N GLU B 184 1.12 -12.59 16.54
CA GLU B 184 0.53 -12.34 15.22
C GLU B 184 0.38 -10.88 14.81
N ARG B 185 0.82 -10.57 13.59
CA ARG B 185 0.66 -9.24 13.02
C ARG B 185 0.09 -9.31 11.63
N ASP B 186 -0.73 -8.33 11.30
CA ASP B 186 -1.25 -8.16 9.96
C ASP B 186 -0.53 -6.99 9.31
N LEU B 187 0.21 -7.27 8.23
CA LEU B 187 1.04 -6.24 7.61
C LEU B 187 0.29 -5.45 6.54
N GLY B 188 -0.86 -5.96 6.12
CA GLY B 188 -1.60 -5.38 5.00
C GLY B 188 -1.00 -5.69 3.63
N TRP B 189 -1.15 -4.74 2.71
CA TRP B 189 -0.85 -4.89 1.30
C TRP B 189 0.51 -4.37 0.95
N MET B 190 1.25 -5.16 0.19
CA MET B 190 2.67 -4.96 0.00
C MET B 190 3.08 -5.32 -1.44
N LEU B 191 4.18 -4.77 -2.01
CA LEU B 191 4.66 -5.32 -3.32
C LEU B 191 4.77 -6.82 -3.24
N HIS B 192 4.22 -7.51 -4.22
CA HIS B 192 4.57 -8.92 -4.46
C HIS B 192 5.72 -9.07 -5.46
N ASP B 193 5.45 -8.71 -6.71
CA ASP B 193 6.45 -8.81 -7.78
C ASP B 193 6.04 -7.88 -8.95
N ILE B 194 7.02 -7.43 -9.74
CA ILE B 194 6.76 -6.61 -10.92
C ILE B 194 6.10 -7.48 -12.00
N ASP B 195 5.42 -6.82 -12.94
CA ASP B 195 4.68 -7.48 -13.99
C ASP B 195 5.60 -7.82 -15.18
N PHE B 196 5.92 -9.10 -15.29
CA PHE B 196 6.65 -9.69 -16.42
C PHE B 196 6.10 -9.28 -17.81
N ALA B 197 4.83 -8.90 -17.89
CA ALA B 197 4.18 -8.53 -19.17
C ALA B 197 4.76 -7.25 -19.82
N ASP B 198 4.99 -6.21 -19.01
CA ASP B 198 5.60 -4.98 -19.51
C ASP B 198 6.94 -4.65 -18.85
N GLY B 199 7.34 -5.40 -17.82
CA GLY B 199 8.58 -5.12 -17.11
C GLY B 199 8.47 -3.91 -16.19
N MET B 200 7.25 -3.46 -15.96
CA MET B 200 7.04 -2.23 -15.25
C MET B 200 5.98 -2.26 -14.12
N THR B 201 4.71 -2.56 -14.43
CA THR B 201 3.67 -2.40 -13.41
C THR B 201 3.78 -3.41 -12.25
N PRO B 202 3.57 -2.94 -11.00
CA PRO B 202 3.68 -3.77 -9.76
C PRO B 202 2.45 -4.66 -9.52
N ARG B 203 2.62 -5.72 -8.74
CA ARG B 203 1.49 -6.56 -8.27
C ARG B 203 1.67 -6.79 -6.76
N PHE B 204 0.57 -7.05 -6.04
CA PHE B 204 0.54 -6.95 -4.56
C PHE B 204 -0.21 -8.08 -3.85
N PHE B 205 0.18 -8.36 -2.63
CA PHE B 205 -0.52 -9.32 -1.75
C PHE B 205 -0.60 -8.76 -0.32
N ARG B 206 -1.50 -9.35 0.47
CA ARG B 206 -1.66 -8.99 1.87
C ARG B 206 -0.88 -9.91 2.81
N ALA B 207 0.30 -9.45 3.25
CA ALA B 207 1.20 -10.21 4.14
C ALA B 207 0.73 -10.39 5.61
N ARG B 208 0.76 -11.62 6.10
CA ARG B 208 0.53 -11.87 7.54
C ARG B 208 1.80 -12.37 8.21
N MET B 209 2.14 -11.84 9.39
CA MET B 209 3.39 -12.23 10.06
C MET B 209 3.15 -12.93 11.39
N VAL B 210 3.55 -14.21 11.49
CA VAL B 210 3.41 -14.93 12.77
C VAL B 210 4.78 -15.26 13.30
N ASP B 211 5.09 -14.74 14.50
CA ASP B 211 6.39 -14.89 15.14
C ASP B 211 7.54 -14.50 14.21
N GLY B 212 7.20 -13.74 13.18
CA GLY B 212 8.17 -13.26 12.21
C GLY B 212 8.12 -13.98 10.87
N LEU B 213 7.38 -15.10 10.83
CA LEU B 213 7.20 -15.87 9.58
C LEU B 213 6.06 -15.34 8.73
N VAL B 214 6.39 -14.97 7.49
CA VAL B 214 5.42 -14.50 6.48
C VAL B 214 5.38 -15.55 5.34
N ALA B 215 4.21 -16.13 5.06
CA ALA B 215 4.05 -17.07 3.94
C ALA B 215 3.91 -16.26 2.67
N VAL B 216 4.49 -16.69 1.56
CA VAL B 216 4.44 -15.92 0.31
C VAL B 216 3.72 -16.68 -0.79
N PRO B 217 2.54 -16.18 -1.21
CA PRO B 217 1.75 -16.97 -2.15
C PRO B 217 2.37 -16.93 -3.54
N PRO B 218 2.11 -17.97 -4.36
CA PRO B 218 2.76 -18.13 -5.66
C PRO B 218 2.38 -17.05 -6.67
N PRO B 219 3.25 -16.79 -7.66
CA PRO B 219 3.08 -15.70 -8.66
C PRO B 219 1.70 -15.66 -9.32
N GLN B 220 1.11 -16.82 -9.57
CA GLN B 220 -0.19 -16.94 -10.22
C GLN B 220 -1.37 -17.00 -9.24
N ASP B 221 -1.12 -16.83 -7.94
CA ASP B 221 -2.19 -17.07 -6.96
C ASP B 221 -2.79 -15.86 -6.21
N GLY B 222 -3.88 -15.29 -6.76
CA GLY B 222 -4.70 -14.28 -6.05
C GLY B 222 -3.99 -13.13 -5.32
N GLY B 223 -2.72 -12.85 -5.69
CA GLY B 223 -2.08 -11.58 -5.36
C GLY B 223 -2.91 -10.54 -6.12
N VAL B 224 -2.73 -9.25 -5.81
CA VAL B 224 -3.60 -8.18 -6.36
C VAL B 224 -5.11 -8.46 -6.20
#